data_4W4N
#
_entry.id   4W4N
#
_cell.length_a   49.710
_cell.length_b   79.290
_cell.length_c   138.670
_cell.angle_alpha   90.00
_cell.angle_beta   90.00
_cell.angle_gamma   90.00
#
_symmetry.space_group_name_H-M   'P 21 21 21'
#
loop_
_entity.id
_entity.type
_entity.pdbx_description
1 polymer 'Ig gamma-1 chain C region'
2 branched 2-acetamido-2-deoxy-beta-D-glucopyranose-(1-2)-alpha-D-mannopyranose-(1-3)-[2-acetamido-2-deoxy-beta-D-glucopyranose-(1-2)-alpha-D-mannopyranose-(1-6)]beta-D-mannopyranose-(1-4)-2-acetamido-2-deoxy-beta-D-glucopyranose-(1-4)-2-acetamido-2-deoxy-beta-D-glucopyranose
3 branched 2-acetamido-2-deoxy-beta-D-glucopyranose-(1-2)-alpha-D-mannopyranose-(1-3)-[2-acetamido-2-deoxy-beta-D-glucopyranose-(1-2)-alpha-D-mannopyranose-(1-6)]beta-D-mannopyranose-(1-4)-2-acetamido-2-deoxy-beta-D-glucopyranose-(1-4)-[alpha-L-fucopyranose-(1-6)]2-acetamido-2-deoxy-beta-D-glucopyranose
4 non-polymer GLYCEROL
5 water water
#
_entity_poly.entity_id   1
_entity_poly.type   'polypeptide(L)'
_entity_poly.pdbx_seq_one_letter_code
;HTCPPCPAPELLGGPSVFLFPPKPKDTLMISRTPEVTCVVVDVSHEDPEVKFNWYVDGVEVHNAKTKPREEQYNSTYRVV
SVLTVLHQDWLNGKEYKCKVSNKALPAPIEKTISKAKGQPREPQVYTLPPSRDELTKNQVSLTCLVKGFYPSDIAVEWES
NGQPENNYKTTPPVLDSDGSFFLYSKLTVDKSRWQQGNVFSCSVMHEALHNHYTQKSLSLSPG
;
_entity_poly.pdbx_strand_id   A,B
#
loop_
_chem_comp.id
_chem_comp.type
_chem_comp.name
_chem_comp.formula
BMA D-saccharide, beta linking beta-D-mannopyranose 'C6 H12 O6'
FUC L-saccharide, alpha linking alpha-L-fucopyranose 'C6 H12 O5'
GOL non-polymer GLYCEROL 'C3 H8 O3'
MAN D-saccharide, alpha linking alpha-D-mannopyranose 'C6 H12 O6'
NAG D-saccharide, beta linking 2-acetamido-2-deoxy-beta-D-glucopyranose 'C8 H15 N O6'
#
# COMPACT_ATOMS: atom_id res chain seq x y z
N PRO A 15 21.42 4.27 17.68
CA PRO A 15 20.34 4.88 16.88
C PRO A 15 20.07 4.15 15.55
N SER A 16 19.43 4.82 14.60
CA SER A 16 19.16 4.33 13.22
C SER A 16 18.84 5.57 12.41
N VAL A 17 18.98 5.53 11.09
CA VAL A 17 18.80 6.74 10.24
C VAL A 17 17.91 6.46 9.05
N PHE A 18 16.80 7.21 8.93
CA PHE A 18 15.94 7.12 7.72
C PHE A 18 15.89 8.42 6.95
N LEU A 19 15.91 8.28 5.61
CA LEU A 19 16.12 9.43 4.75
C LEU A 19 14.99 9.48 3.80
N PHE A 20 14.31 10.61 3.74
CA PHE A 20 12.99 10.73 3.13
C PHE A 20 12.94 11.75 2.05
N PRO A 21 12.22 11.41 0.95
CA PRO A 21 12.15 12.32 -0.16
C PRO A 21 11.18 13.45 0.05
N PRO A 22 11.18 14.39 -0.89
CA PRO A 22 10.20 15.44 -0.77
C PRO A 22 8.83 14.97 -1.12
N LYS A 23 7.78 15.74 -0.78
CA LYS A 23 6.42 15.39 -1.23
C LYS A 23 6.33 15.68 -2.74
N PRO A 24 5.67 14.80 -3.53
CA PRO A 24 5.62 15.02 -4.98
C PRO A 24 5.12 16.41 -5.36
N LYS A 25 4.12 16.96 -4.63
CA LYS A 25 3.58 18.20 -5.02
C LYS A 25 4.63 19.35 -4.85
N ASP A 26 5.51 19.19 -3.85
CA ASP A 26 6.37 20.25 -3.49
C ASP A 26 7.46 20.47 -4.56
N THR A 27 7.82 19.40 -5.26
CA THR A 27 8.88 19.56 -6.28
C THR A 27 8.35 20.09 -7.60
N LEU A 28 7.05 20.02 -7.78
CA LEU A 28 6.42 20.40 -9.06
C LEU A 28 6.00 21.88 -9.21
N MET A 29 6.03 22.65 -8.11
CA MET A 29 5.52 24.05 -8.11
C MET A 29 6.55 24.90 -7.46
N ILE A 30 7.06 25.94 -8.15
CA ILE A 30 8.24 26.69 -7.61
C ILE A 30 7.86 27.46 -6.36
N SER A 31 6.55 27.68 -6.20
CA SER A 31 6.03 28.41 -5.04
C SER A 31 6.11 27.55 -3.77
N ARG A 32 6.22 26.23 -3.96
CA ARG A 32 6.31 25.31 -2.85
C ARG A 32 7.76 25.04 -2.48
N THR A 33 8.01 24.45 -1.32
CA THR A 33 9.40 24.28 -0.82
C THR A 33 9.62 22.79 -0.56
N PRO A 34 10.20 22.10 -1.54
CA PRO A 34 10.51 20.69 -1.35
C PRO A 34 11.71 20.55 -0.35
N GLU A 35 11.71 19.51 0.44
CA GLU A 35 12.85 19.25 1.32
C GLU A 35 13.08 17.73 1.49
N VAL A 36 14.37 17.35 1.68
CA VAL A 36 14.73 16.04 2.12
C VAL A 36 14.89 15.98 3.65
N THR A 37 14.38 14.89 4.26
CA THR A 37 14.36 14.84 5.73
C THR A 37 15.13 13.61 6.22
N CYS A 38 16.03 13.88 7.16
CA CYS A 38 16.88 12.82 7.76
C CYS A 38 16.44 12.62 9.23
N VAL A 39 15.85 11.44 9.51
CA VAL A 39 15.27 11.13 10.82
C VAL A 39 16.16 10.15 11.58
N VAL A 40 16.63 10.56 12.74
CA VAL A 40 17.52 9.72 13.57
C VAL A 40 16.69 9.24 14.76
N VAL A 41 16.51 7.92 14.88
CA VAL A 41 15.71 7.34 15.98
C VAL A 41 16.59 6.62 16.99
N ASP A 42 15.98 6.18 18.10
CA ASP A 42 16.69 5.43 19.14
C ASP A 42 17.90 6.24 19.63
N VAL A 43 17.74 7.56 19.77
CA VAL A 43 18.80 8.32 20.46
C VAL A 43 18.56 8.19 21.96
N SER A 44 19.60 7.72 22.68
CA SER A 44 19.58 7.59 24.13
C SER A 44 19.91 8.91 24.81
N HIS A 45 19.57 8.91 26.12
CA HIS A 45 19.76 10.07 26.94
C HIS A 45 21.26 10.16 27.28
N GLU A 46 21.93 9.01 27.41
CA GLU A 46 23.36 8.95 27.81
C GLU A 46 24.27 9.58 26.76
N ASP A 47 23.92 9.38 25.46
CA ASP A 47 24.61 10.06 24.39
C ASP A 47 23.53 10.64 23.51
N PRO A 48 23.15 11.89 23.84
CA PRO A 48 22.13 12.62 23.10
C PRO A 48 22.64 13.50 21.94
N GLU A 49 23.98 13.65 21.76
CA GLU A 49 24.57 14.58 20.77
C GLU A 49 24.54 14.04 19.33
N VAL A 50 23.71 14.65 18.45
CA VAL A 50 23.62 14.09 17.06
C VAL A 50 24.20 15.15 16.11
N LYS A 51 25.20 14.76 15.31
CA LYS A 51 25.67 15.66 14.24
C LYS A 51 25.18 15.14 12.89
N PHE A 52 24.85 16.08 11.99
CA PHE A 52 24.39 15.85 10.59
C PHE A 52 25.39 16.50 9.64
N ASN A 53 25.84 15.82 8.58
CA ASN A 53 26.47 16.52 7.45
C ASN A 53 25.64 16.14 6.26
N TRP A 54 25.42 17.10 5.35
CA TRP A 54 24.64 16.86 4.13
C TRP A 54 25.48 17.13 2.88
N TYR A 55 25.22 16.38 1.81
CA TYR A 55 25.98 16.51 0.55
C TYR A 55 25.01 16.29 -0.58
N VAL A 56 25.20 17.08 -1.64
CA VAL A 56 24.40 16.99 -2.88
C VAL A 56 25.36 16.63 -3.98
N ASP A 57 25.26 15.42 -4.51
CA ASP A 57 26.30 14.82 -5.39
C ASP A 57 27.70 15.00 -4.83
N GLY A 58 27.88 14.64 -3.57
CA GLY A 58 29.18 14.66 -2.94
C GLY A 58 29.69 16.05 -2.59
N VAL A 59 29.07 17.12 -3.14
CA VAL A 59 29.44 18.50 -2.75
C VAL A 59 28.72 18.80 -1.44
N GLU A 60 29.47 19.18 -0.40
CA GLU A 60 28.89 19.51 0.91
C GLU A 60 28.08 20.80 0.74
N VAL A 61 26.90 20.81 1.35
CA VAL A 61 26.06 22.00 1.40
C VAL A 61 25.76 22.26 2.86
N HIS A 62 25.37 23.50 3.13
CA HIS A 62 25.31 23.94 4.48
C HIS A 62 23.92 24.41 5.02
N ASN A 63 22.83 24.08 4.32
CA ASN A 63 21.45 24.65 4.51
C ASN A 63 20.45 24.09 5.50
N ALA A 64 20.71 22.90 6.06
CA ALA A 64 19.74 22.15 6.85
C ALA A 64 19.40 22.68 8.24
N LYS A 65 18.18 22.41 8.71
CA LYS A 65 17.76 22.79 10.08
C LYS A 65 17.37 21.56 10.90
N THR A 66 17.86 21.51 12.14
CA THR A 66 17.46 20.45 13.05
C THR A 66 16.20 20.87 13.78
N LYS A 67 15.17 20.01 13.77
CA LYS A 67 13.90 20.29 14.47
C LYS A 67 14.03 20.10 16.01
N PRO A 68 13.10 20.70 16.83
CA PRO A 68 13.24 20.45 18.30
C PRO A 68 12.88 18.98 18.57
N ARG A 69 13.75 18.21 19.25
CA ARG A 69 13.52 16.74 19.34
C ARG A 69 12.25 16.38 20.13
N GLU A 70 11.83 15.14 19.95
CA GLU A 70 10.66 14.60 20.60
C GLU A 70 11.23 13.52 21.54
N GLU A 71 10.84 13.57 22.80
CA GLU A 71 11.08 12.44 23.67
C GLU A 71 10.05 11.40 23.27
N GLN A 72 10.56 10.25 22.80
CA GLN A 72 9.69 9.19 22.33
C GLN A 72 9.19 8.31 23.48
N TYR A 73 8.07 7.64 23.26
CA TYR A 73 7.36 6.97 24.37
C TYR A 73 8.08 5.76 24.87
N ASN A 74 9.12 5.35 24.14
CA ASN A 74 10.07 4.32 24.61
C ASN A 74 11.36 4.90 25.26
N SER A 75 11.28 6.17 25.70
CA SER A 75 12.39 6.91 26.40
C SER A 75 13.68 7.15 25.58
N THR A 76 13.50 7.15 24.26
CA THR A 76 14.53 7.48 23.24
C THR A 76 14.21 8.82 22.53
N TYR A 77 15.25 9.55 22.07
CA TYR A 77 14.97 10.75 21.25
C TYR A 77 14.78 10.43 19.73
N ARG A 78 13.79 11.09 19.14
CA ARG A 78 13.63 11.18 17.66
C ARG A 78 14.21 12.54 17.23
N VAL A 79 15.40 12.57 16.61
CA VAL A 79 16.04 13.83 16.14
C VAL A 79 15.91 13.94 14.60
N VAL A 80 15.47 15.11 14.07
CA VAL A 80 15.08 15.26 12.61
C VAL A 80 15.88 16.47 12.03
N SER A 81 16.65 16.24 10.97
CA SER A 81 17.23 17.34 10.18
C SER A 81 16.40 17.50 8.89
N VAL A 82 16.16 18.74 8.49
CA VAL A 82 15.45 19.05 7.25
C VAL A 82 16.33 19.85 6.31
N LEU A 83 16.53 19.33 5.09
CA LEU A 83 17.24 20.04 4.01
C LEU A 83 16.35 20.59 2.86
N THR A 84 16.28 21.93 2.65
CA THR A 84 15.60 22.43 1.45
C THR A 84 16.33 22.02 0.19
N VAL A 85 15.58 21.60 -0.83
CA VAL A 85 16.16 21.25 -2.12
C VAL A 85 15.70 22.13 -3.25
N LEU A 86 16.52 22.30 -4.27
CA LEU A 86 16.05 23.00 -5.44
C LEU A 86 15.19 22.03 -6.22
N HIS A 87 14.02 22.50 -6.64
CA HIS A 87 13.09 21.70 -7.44
C HIS A 87 13.80 20.99 -8.57
N GLN A 88 14.59 21.78 -9.31
CA GLN A 88 15.16 21.27 -10.53
C GLN A 88 16.31 20.30 -10.24
N ASP A 89 17.01 20.48 -9.10
CA ASP A 89 18.03 19.52 -8.67
C ASP A 89 17.42 18.19 -8.35
N TRP A 90 16.29 18.20 -7.64
CA TRP A 90 15.67 16.94 -7.30
C TRP A 90 15.18 16.25 -8.57
N LEU A 91 14.51 17.00 -9.42
CA LEU A 91 13.95 16.40 -10.64
C LEU A 91 15.02 15.89 -11.61
N ASN A 92 16.16 16.59 -11.67
CA ASN A 92 17.30 16.11 -12.48
C ASN A 92 18.08 14.96 -11.88
N GLY A 93 17.66 14.46 -10.75
CA GLY A 93 18.28 13.26 -10.22
C GLY A 93 19.45 13.37 -9.30
N LYS A 94 19.71 14.54 -8.74
CA LYS A 94 20.83 14.68 -7.81
C LYS A 94 20.67 13.78 -6.58
N GLU A 95 21.77 13.38 -6.00
CA GLU A 95 21.77 12.52 -4.83
C GLU A 95 21.97 13.30 -3.55
N TYR A 96 21.15 12.96 -2.56
CA TYR A 96 21.15 13.65 -1.27
C TYR A 96 21.59 12.67 -0.19
N LYS A 97 22.77 12.95 0.34
CA LYS A 97 23.40 12.17 1.37
C LYS A 97 23.33 12.90 2.71
N CYS A 98 22.75 12.22 3.68
CA CYS A 98 22.73 12.67 5.06
C CYS A 98 23.79 11.79 5.82
N LYS A 99 24.84 12.39 6.41
CA LYS A 99 25.88 11.65 7.18
C LYS A 99 25.63 11.96 8.67
N VAL A 100 25.24 10.89 9.46
CA VAL A 100 24.84 11.08 10.86
C VAL A 100 25.93 10.56 11.82
N SER A 101 26.31 11.34 12.88
CA SER A 101 27.20 10.77 13.97
C SER A 101 26.62 10.94 15.40
N ASN A 102 27.08 10.05 16.34
CA ASN A 102 26.51 9.85 17.69
C ASN A 102 27.40 8.85 18.46
N LYS A 103 27.79 9.24 19.69
CA LYS A 103 28.68 8.45 20.58
C LYS A 103 28.30 6.97 20.82
N ALA A 104 27.06 6.59 20.53
CA ALA A 104 26.64 5.19 20.67
C ALA A 104 26.83 4.44 19.30
N LEU A 105 27.15 5.22 18.21
CA LEU A 105 27.46 4.61 16.90
C LEU A 105 28.96 4.28 16.72
N PRO A 106 29.27 3.01 16.29
CA PRO A 106 30.63 2.53 15.95
C PRO A 106 31.31 3.49 14.97
N ALA A 107 30.59 3.84 13.91
CA ALA A 107 31.01 4.79 12.88
C ALA A 107 29.76 5.53 12.31
N PRO A 108 29.97 6.77 11.80
CA PRO A 108 28.85 7.53 11.19
C PRO A 108 28.01 6.69 10.24
N ILE A 109 26.68 6.83 10.28
CA ILE A 109 25.83 6.19 9.31
C ILE A 109 25.60 7.19 8.18
N GLU A 110 25.78 6.75 6.93
CA GLU A 110 25.31 7.54 5.80
C GLU A 110 24.07 6.87 5.25
N LYS A 111 23.07 7.65 4.77
CA LYS A 111 22.02 7.11 3.90
C LYS A 111 21.88 8.08 2.71
N THR A 112 21.58 7.57 1.51
CA THR A 112 21.50 8.41 0.32
C THR A 112 20.15 8.18 -0.36
N ILE A 113 19.68 9.19 -1.10
CA ILE A 113 18.39 9.12 -1.76
C ILE A 113 18.43 9.95 -3.03
N SER A 114 17.56 9.61 -4.00
CA SER A 114 17.37 10.48 -5.15
C SER A 114 16.15 9.98 -5.86
N LYS A 115 15.64 10.79 -6.78
CA LYS A 115 14.54 10.42 -7.59
C LYS A 115 14.67 9.10 -8.30
N ALA A 116 13.61 8.31 -8.35
CA ALA A 116 13.57 7.17 -9.27
C ALA A 116 14.19 7.52 -10.67
N LYS A 117 14.97 6.61 -11.20
CA LYS A 117 15.68 6.80 -12.46
C LYS A 117 14.82 6.38 -13.65
N GLY A 118 14.98 7.08 -14.77
CA GLY A 118 14.33 6.59 -16.00
C GLY A 118 13.47 7.72 -16.60
N GLN A 119 13.11 7.53 -17.85
CA GLN A 119 12.30 8.46 -18.61
C GLN A 119 10.93 8.72 -17.96
N PRO A 120 10.63 9.98 -17.59
CA PRO A 120 9.27 10.26 -17.05
C PRO A 120 8.23 10.00 -18.15
N ARG A 121 7.07 9.47 -17.77
CA ARG A 121 6.01 9.15 -18.68
C ARG A 121 4.76 9.87 -18.20
N GLU A 122 4.08 10.49 -19.18
CA GLU A 122 2.88 11.34 -18.91
C GLU A 122 1.68 10.52 -18.42
N PRO A 123 1.07 10.94 -17.31
CA PRO A 123 -0.15 10.21 -16.91
C PRO A 123 -1.29 10.43 -17.88
N GLN A 124 -2.10 9.41 -18.06
CA GLN A 124 -3.34 9.58 -18.77
CA GLN A 124 -3.38 9.47 -18.79
C GLN A 124 -4.41 9.57 -17.68
N VAL A 125 -5.32 10.53 -17.76
CA VAL A 125 -6.28 10.75 -16.68
C VAL A 125 -7.72 10.53 -17.24
N TYR A 126 -8.50 9.63 -16.60
CA TYR A 126 -9.82 9.28 -17.04
C TYR A 126 -10.76 9.41 -15.86
N THR A 127 -11.83 10.18 -16.05
CA THR A 127 -12.88 10.21 -15.02
C THR A 127 -13.98 9.18 -15.38
N LEU A 128 -14.56 8.57 -14.34
CA LEU A 128 -15.57 7.53 -14.51
C LEU A 128 -16.69 7.85 -13.51
N PRO A 129 -17.93 7.97 -14.03
CA PRO A 129 -19.06 8.28 -13.15
C PRO A 129 -19.46 7.10 -12.24
N PRO A 130 -20.36 7.32 -11.28
CA PRO A 130 -20.79 6.16 -10.46
C PRO A 130 -21.42 5.05 -11.31
N SER A 131 -21.26 3.80 -10.90
CA SER A 131 -22.02 2.69 -11.50
C SER A 131 -23.50 2.94 -11.27
N ARG A 132 -24.35 2.49 -12.21
CA ARG A 132 -25.81 2.59 -12.10
C ARG A 132 -26.30 1.96 -10.77
N ASP A 133 -25.65 0.83 -10.44
CA ASP A 133 -25.95 0.07 -9.23
C ASP A 133 -25.74 0.88 -7.98
N GLU A 134 -24.74 1.75 -8.03
CA GLU A 134 -24.46 2.63 -6.90
C GLU A 134 -25.49 3.74 -6.69
N LEU A 135 -26.34 3.99 -7.70
CA LEU A 135 -27.27 5.14 -7.69
C LEU A 135 -28.43 4.94 -6.75
N THR A 136 -28.53 3.74 -6.21
CA THR A 136 -29.43 3.43 -5.15
C THR A 136 -28.99 3.91 -3.76
N LYS A 137 -27.71 4.27 -3.58
CA LYS A 137 -27.18 4.72 -2.29
C LYS A 137 -27.39 6.21 -2.02
N ASN A 138 -27.13 6.68 -0.79
CA ASN A 138 -27.21 8.12 -0.48
C ASN A 138 -26.01 8.90 -0.93
N GLN A 139 -24.87 8.23 -0.97
CA GLN A 139 -23.68 8.83 -1.52
C GLN A 139 -23.10 7.96 -2.64
N VAL A 140 -22.42 8.60 -3.57
CA VAL A 140 -21.98 7.94 -4.79
C VAL A 140 -20.49 8.21 -4.92
N SER A 141 -19.84 7.40 -5.75
CA SER A 141 -18.38 7.43 -5.93
C SER A 141 -18.01 7.94 -7.33
N LEU A 142 -17.29 9.06 -7.35
CA LEU A 142 -16.66 9.60 -8.58
C LEU A 142 -15.22 9.14 -8.63
N THR A 143 -14.79 8.58 -9.78
CA THR A 143 -13.51 7.84 -9.87
C THR A 143 -12.65 8.51 -10.90
N CYS A 144 -11.40 8.71 -10.52
CA CYS A 144 -10.43 9.21 -11.41
C CYS A 144 -9.36 8.15 -11.54
N LEU A 145 -9.19 7.61 -12.76
CA LEU A 145 -8.14 6.64 -13.00
C LEU A 145 -6.96 7.40 -13.60
N VAL A 146 -5.76 7.15 -13.12
CA VAL A 146 -4.59 7.86 -13.59
C VAL A 146 -3.62 6.74 -13.90
N LYS A 147 -3.29 6.57 -15.18
CA LYS A 147 -2.41 5.48 -15.57
C LYS A 147 -1.23 5.91 -16.45
N GLY A 148 -0.28 4.98 -16.57
CA GLY A 148 0.80 5.13 -17.59
C GLY A 148 1.89 6.11 -17.11
N PHE A 149 1.96 6.44 -15.82
CA PHE A 149 2.89 7.48 -15.44
C PHE A 149 4.22 6.93 -14.83
N TYR A 150 5.29 7.71 -14.91
CA TYR A 150 6.58 7.30 -14.34
C TYR A 150 7.32 8.60 -14.14
N PRO A 151 7.99 8.79 -13.00
CA PRO A 151 8.07 7.89 -11.85
C PRO A 151 6.76 7.91 -11.05
N SER A 152 6.71 7.09 -10.00
CA SER A 152 5.38 6.93 -9.30
C SER A 152 5.03 8.20 -8.46
N ASP A 153 5.95 9.18 -8.28
CA ASP A 153 5.66 10.43 -7.57
C ASP A 153 4.55 11.27 -8.23
N ILE A 154 3.41 11.45 -7.56
CA ILE A 154 2.27 12.15 -8.21
C ILE A 154 1.39 12.75 -7.12
N ALA A 155 0.53 13.68 -7.50
CA ALA A 155 -0.41 14.20 -6.49
C ALA A 155 -1.71 14.26 -7.22
N VAL A 156 -2.82 14.01 -6.48
CA VAL A 156 -4.15 14.05 -7.10
C VAL A 156 -5.07 14.77 -6.09
N GLU A 157 -5.89 15.69 -6.59
CA GLU A 157 -6.81 16.43 -5.71
C GLU A 157 -8.13 16.55 -6.49
N TRP A 158 -9.20 16.88 -5.79
CA TRP A 158 -10.48 17.17 -6.46
C TRP A 158 -11.03 18.57 -6.16
N GLU A 159 -11.84 19.07 -7.09
CA GLU A 159 -12.43 20.35 -6.97
C GLU A 159 -13.81 20.38 -7.53
N SER A 160 -14.57 21.36 -7.11
CA SER A 160 -15.77 21.71 -7.84
C SER A 160 -16.04 23.20 -7.76
N ASN A 161 -16.39 23.85 -8.88
CA ASN A 161 -16.58 25.30 -8.84
C ASN A 161 -15.39 26.01 -8.25
N GLY A 162 -14.22 25.47 -8.59
CA GLY A 162 -12.90 25.93 -8.15
C GLY A 162 -12.60 25.77 -6.68
N GLN A 163 -13.50 25.11 -5.91
CA GLN A 163 -13.37 24.87 -4.46
C GLN A 163 -12.90 23.48 -4.24
N PRO A 164 -11.92 23.29 -3.34
CA PRO A 164 -11.44 21.92 -3.03
C PRO A 164 -12.59 21.10 -2.50
N GLU A 165 -12.70 19.87 -2.99
CA GLU A 165 -13.60 18.85 -2.48
C GLU A 165 -12.67 18.00 -1.71
N ASN A 166 -12.94 17.86 -0.43
CA ASN A 166 -11.97 17.17 0.39
C ASN A 166 -12.36 15.71 0.85
N ASN A 167 -13.64 15.31 0.69
CA ASN A 167 -14.05 13.91 0.98
C ASN A 167 -13.53 12.85 -0.10
N TYR A 168 -12.22 12.75 -0.26
CA TYR A 168 -11.73 11.81 -1.24
C TYR A 168 -10.59 10.97 -0.65
N LYS A 169 -10.29 9.84 -1.28
CA LYS A 169 -9.16 8.96 -0.88
C LYS A 169 -8.54 8.48 -2.17
N THR A 170 -7.21 8.36 -2.20
CA THR A 170 -6.47 8.00 -3.40
C THR A 170 -5.63 6.76 -3.05
N THR A 171 -5.61 5.79 -3.95
CA THR A 171 -4.81 4.61 -3.70
C THR A 171 -3.32 4.95 -3.87
N PRO A 172 -2.45 4.16 -3.26
CA PRO A 172 -1.04 4.31 -3.68
C PRO A 172 -0.87 3.99 -5.18
N PRO A 173 0.26 4.42 -5.75
CA PRO A 173 0.65 4.01 -7.08
C PRO A 173 0.87 2.53 -7.05
N VAL A 174 0.41 1.89 -8.10
CA VAL A 174 0.63 0.46 -8.28
C VAL A 174 1.43 0.20 -9.56
N LEU A 175 2.41 -0.67 -9.49
CA LEU A 175 3.22 -0.94 -10.69
C LEU A 175 2.40 -1.75 -11.70
N ASP A 176 2.31 -1.26 -12.94
CA ASP A 176 1.62 -1.92 -14.00
C ASP A 176 2.57 -2.78 -14.83
N SER A 177 1.97 -3.55 -15.74
CA SER A 177 2.71 -4.62 -16.36
C SER A 177 3.76 -4.09 -17.34
N ASP A 178 3.62 -2.83 -17.78
CA ASP A 178 4.56 -2.20 -18.68
C ASP A 178 5.63 -1.35 -17.96
N GLY A 179 5.70 -1.42 -16.64
CA GLY A 179 6.69 -0.67 -15.87
C GLY A 179 6.30 0.75 -15.56
N SER A 180 5.13 1.17 -16.05
CA SER A 180 4.55 2.46 -15.55
C SER A 180 3.70 2.18 -14.28
N PHE A 181 3.11 3.24 -13.71
CA PHE A 181 2.25 3.09 -12.49
C PHE A 181 0.86 3.58 -12.82
N PHE A 182 -0.15 3.06 -12.08
CA PHE A 182 -1.48 3.66 -12.15
C PHE A 182 -1.95 3.83 -10.69
N LEU A 183 -3.03 4.58 -10.51
CA LEU A 183 -3.70 4.65 -9.23
C LEU A 183 -5.14 5.04 -9.56
N TYR A 184 -6.01 4.95 -8.57
CA TYR A 184 -7.33 5.51 -8.67
C TYR A 184 -7.57 6.46 -7.50
N SER A 185 -8.30 7.52 -7.75
CA SER A 185 -8.79 8.37 -6.67
C SER A 185 -10.31 8.31 -6.65
N LYS A 186 -10.85 8.17 -5.44
CA LYS A 186 -12.29 8.11 -5.24
C LYS A 186 -12.81 9.28 -4.50
N LEU A 187 -13.66 10.10 -5.13
CA LEU A 187 -14.35 11.20 -4.44
C LEU A 187 -15.78 10.75 -4.11
N THR A 188 -16.20 10.84 -2.86
CA THR A 188 -17.55 10.55 -2.49
C THR A 188 -18.34 11.83 -2.37
N VAL A 189 -19.52 11.83 -2.97
CA VAL A 189 -20.42 12.99 -2.91
C VAL A 189 -21.80 12.56 -2.68
N ASP A 190 -22.58 13.45 -2.08
CA ASP A 190 -23.99 13.21 -1.89
C ASP A 190 -24.63 12.99 -3.25
N LYS A 191 -25.45 11.95 -3.36
CA LYS A 191 -26.03 11.64 -4.66
C LYS A 191 -26.78 12.84 -5.26
N SER A 192 -27.42 13.66 -4.40
CA SER A 192 -28.15 14.86 -4.85
C SER A 192 -27.25 15.89 -5.52
N ARG A 193 -26.00 16.00 -5.07
CA ARG A 193 -25.07 16.89 -5.78
C ARG A 193 -24.74 16.38 -7.20
N TRP A 194 -24.45 15.08 -7.31
CA TRP A 194 -24.26 14.42 -8.62
C TRP A 194 -25.46 14.60 -9.53
N GLN A 195 -26.65 14.23 -9.04
CA GLN A 195 -27.86 14.20 -9.87
C GLN A 195 -28.25 15.56 -10.35
N GLN A 196 -27.91 16.61 -9.58
CA GLN A 196 -28.21 17.97 -9.98
C GLN A 196 -27.24 18.60 -10.99
N GLY A 197 -26.23 17.86 -11.44
CA GLY A 197 -25.40 18.29 -12.56
C GLY A 197 -24.16 19.10 -12.21
N ASN A 198 -23.82 19.16 -10.92
CA ASN A 198 -22.62 19.82 -10.49
C ASN A 198 -21.41 19.19 -11.16
N VAL A 199 -20.46 20.03 -11.57
CA VAL A 199 -19.25 19.55 -12.28
C VAL A 199 -18.10 19.35 -11.30
N PHE A 200 -17.48 18.17 -11.34
CA PHE A 200 -16.36 17.83 -10.46
C PHE A 200 -15.09 17.65 -11.28
N SER A 201 -13.95 18.03 -10.72
CA SER A 201 -12.67 17.99 -11.44
CA SER A 201 -12.68 17.95 -11.46
C SER A 201 -11.64 17.25 -10.64
N CYS A 202 -10.98 16.34 -11.32
CA CYS A 202 -9.86 15.59 -10.79
C CYS A 202 -8.61 16.26 -11.35
N SER A 203 -7.73 16.73 -10.45
CA SER A 203 -6.54 17.55 -10.75
C SER A 203 -5.36 16.62 -10.55
N VAL A 204 -4.42 16.56 -11.50
CA VAL A 204 -3.28 15.60 -11.38
C VAL A 204 -2.00 16.41 -11.60
N MET A 205 -1.02 16.26 -10.71
CA MET A 205 0.28 16.95 -10.79
C MET A 205 1.36 15.90 -10.89
N HIS A 206 2.24 16.05 -11.89
CA HIS A 206 3.23 15.04 -12.25
C HIS A 206 4.23 15.74 -13.14
N GLU A 207 5.48 15.34 -12.99
CA GLU A 207 6.56 16.05 -13.68
C GLU A 207 6.38 15.97 -15.19
N ALA A 208 5.74 14.89 -15.66
CA ALA A 208 5.68 14.64 -17.16
C ALA A 208 4.48 15.35 -17.82
N LEU A 209 3.65 16.04 -17.07
CA LEU A 209 2.54 16.84 -17.63
C LEU A 209 3.04 18.22 -18.02
N HIS A 210 2.51 18.78 -19.10
CA HIS A 210 2.84 20.17 -19.45
C HIS A 210 2.47 21.09 -18.25
N ASN A 211 3.36 21.96 -17.82
CA ASN A 211 3.12 22.80 -16.63
C ASN A 211 2.83 21.98 -15.37
N HIS A 212 3.26 20.70 -15.39
CA HIS A 212 3.17 19.77 -14.22
C HIS A 212 1.77 19.57 -13.70
N TYR A 213 0.76 19.79 -14.54
CA TYR A 213 -0.60 19.78 -14.02
C TYR A 213 -1.54 19.51 -15.13
N THR A 214 -2.62 18.78 -14.84
CA THR A 214 -3.73 18.63 -15.78
C THR A 214 -5.02 18.39 -14.99
N GLN A 215 -6.15 18.67 -15.59
CA GLN A 215 -7.42 18.38 -14.94
C GLN A 215 -8.42 17.77 -15.87
N LYS A 216 -9.27 16.93 -15.32
CA LYS A 216 -10.34 16.30 -16.10
C LYS A 216 -11.63 16.43 -15.34
N SER A 217 -12.67 16.83 -16.07
CA SER A 217 -14.00 17.05 -15.50
CA SER A 217 -14.00 17.05 -15.51
C SER A 217 -14.88 15.79 -15.53
N LEU A 218 -15.88 15.78 -14.66
CA LEU A 218 -16.79 14.65 -14.59
C LEU A 218 -18.14 15.28 -14.16
N SER A 219 -19.19 15.08 -14.94
CA SER A 219 -20.51 15.45 -14.46
C SER A 219 -21.57 14.62 -15.16
N LEU A 220 -22.82 14.69 -14.69
CA LEU A 220 -23.90 13.95 -15.25
C LEU A 220 -24.39 14.62 -16.53
N GLY B 14 20.43 -11.49 18.76
CA GLY B 14 20.16 -12.87 18.24
C GLY B 14 19.07 -12.97 17.14
N PRO B 15 18.32 -14.03 17.23
CA PRO B 15 17.36 -14.39 16.16
C PRO B 15 16.19 -13.36 16.12
N SER B 16 15.48 -13.34 15.00
CA SER B 16 14.37 -12.43 14.78
C SER B 16 13.27 -13.37 14.32
N VAL B 17 12.02 -13.03 14.60
CA VAL B 17 10.85 -13.91 14.32
C VAL B 17 9.84 -13.15 13.50
N PHE B 18 9.35 -13.76 12.41
CA PHE B 18 8.30 -13.16 11.59
C PHE B 18 7.13 -14.12 11.61
N LEU B 19 5.94 -13.58 11.79
CA LEU B 19 4.75 -14.50 11.91
C LEU B 19 3.75 -14.09 10.80
N PHE B 20 3.39 -15.05 9.94
CA PHE B 20 2.67 -14.78 8.70
C PHE B 20 1.24 -15.34 8.76
N PRO B 21 0.24 -14.54 8.31
CA PRO B 21 -1.13 -15.02 8.40
C PRO B 21 -1.43 -15.95 7.25
N PRO B 22 -2.63 -16.58 7.28
CA PRO B 22 -3.11 -17.30 6.09
C PRO B 22 -3.46 -16.35 4.94
N LYS B 23 -3.53 -16.85 3.72
CA LYS B 23 -3.96 -16.00 2.61
C LYS B 23 -5.50 -15.77 2.67
N PRO B 24 -6.02 -14.60 2.23
CA PRO B 24 -7.40 -14.40 2.44
C PRO B 24 -8.26 -15.50 1.79
N LYS B 25 -7.85 -16.11 0.69
CA LYS B 25 -8.71 -17.13 0.04
C LYS B 25 -8.80 -18.37 0.86
N ASP B 26 -7.67 -18.66 1.53
CA ASP B 26 -7.53 -19.89 2.27
C ASP B 26 -8.49 -20.01 3.46
N THR B 27 -8.82 -18.90 4.08
CA THR B 27 -9.74 -19.01 5.25
C THR B 27 -11.21 -18.97 4.80
N LEU B 28 -11.43 -18.54 3.57
CA LEU B 28 -12.79 -18.33 3.03
C LEU B 28 -13.37 -19.54 2.36
N MET B 29 -12.52 -20.50 1.97
CA MET B 29 -13.01 -21.70 1.19
C MET B 29 -12.61 -22.92 1.93
N ILE B 30 -13.60 -23.74 2.30
CA ILE B 30 -13.28 -24.89 3.18
C ILE B 30 -12.41 -25.89 2.44
N SER B 31 -12.34 -25.78 1.10
CA SER B 31 -11.50 -26.73 0.33
C SER B 31 -10.00 -26.35 0.55
N ARG B 32 -9.72 -25.15 0.98
CA ARG B 32 -8.34 -24.66 1.08
CA ARG B 32 -8.33 -24.68 1.10
C ARG B 32 -7.81 -24.93 2.50
N THR B 33 -6.50 -24.80 2.70
CA THR B 33 -5.84 -25.17 3.96
C THR B 33 -5.16 -23.93 4.52
N PRO B 34 -5.85 -23.19 5.40
CA PRO B 34 -5.18 -21.98 5.88
C PRO B 34 -4.13 -22.32 6.93
N GLU B 35 -3.02 -21.59 6.89
CA GLU B 35 -1.89 -21.85 7.83
C GLU B 35 -1.31 -20.56 8.40
N VAL B 36 -0.89 -20.56 9.66
CA VAL B 36 -0.07 -19.48 10.24
CA VAL B 36 -0.04 -19.47 10.15
C VAL B 36 1.40 -19.98 10.21
N THR B 37 2.38 -19.11 9.85
CA THR B 37 3.71 -19.62 9.60
C THR B 37 4.66 -18.75 10.46
N CYS B 38 5.40 -19.42 11.34
CA CYS B 38 6.30 -18.69 12.24
C CYS B 38 7.73 -18.96 11.73
N VAL B 39 8.43 -17.92 11.30
CA VAL B 39 9.75 -18.07 10.69
C VAL B 39 10.79 -17.44 11.61
N VAL B 40 11.84 -18.19 11.95
CA VAL B 40 12.91 -17.60 12.78
C VAL B 40 14.19 -17.52 11.90
N VAL B 41 14.78 -16.33 11.81
CA VAL B 41 16.02 -16.11 11.07
C VAL B 41 17.16 -15.59 12.01
N ASP B 42 18.40 -15.58 11.54
CA ASP B 42 19.54 -15.14 12.38
C ASP B 42 19.73 -16.00 13.58
N VAL B 43 19.45 -17.28 13.41
CA VAL B 43 19.84 -18.30 14.41
C VAL B 43 21.32 -18.64 14.18
N SER B 44 22.12 -18.59 15.25
CA SER B 44 23.53 -18.66 15.09
C SER B 44 24.00 -20.12 15.17
N HIS B 45 25.23 -20.36 14.72
CA HIS B 45 25.93 -21.65 14.98
C HIS B 45 26.16 -22.02 16.43
N GLU B 46 26.60 -21.03 17.22
CA GLU B 46 26.88 -21.18 18.66
C GLU B 46 25.66 -21.61 19.45
N ASP B 47 24.46 -21.17 19.05
CA ASP B 47 23.24 -21.52 19.77
C ASP B 47 22.16 -21.85 18.72
N PRO B 48 22.22 -23.06 18.15
CA PRO B 48 21.33 -23.35 17.02
C PRO B 48 20.01 -23.97 17.39
N GLU B 49 19.81 -24.46 18.62
CA GLU B 49 18.56 -25.08 19.01
CA GLU B 49 18.54 -25.11 18.95
C GLU B 49 17.46 -24.05 19.02
N VAL B 50 16.32 -24.36 18.39
CA VAL B 50 15.17 -23.49 18.51
C VAL B 50 14.01 -24.34 18.98
N LYS B 51 13.21 -23.82 19.90
CA LYS B 51 12.00 -24.47 20.34
C LYS B 51 10.83 -23.55 20.08
N PHE B 52 9.80 -24.08 19.45
CA PHE B 52 8.56 -23.32 19.30
C PHE B 52 7.51 -23.82 20.27
N ASN B 53 6.72 -22.89 20.79
CA ASN B 53 5.45 -23.16 21.46
C ASN B 53 4.39 -22.32 20.78
N TRP B 54 3.22 -22.96 20.56
CA TRP B 54 2.07 -22.35 19.90
C TRP B 54 0.88 -22.26 20.86
N TYR B 55 0.18 -21.13 20.80
CA TYR B 55 -1.06 -20.91 21.58
C TYR B 55 -2.18 -20.37 20.71
N VAL B 56 -3.40 -20.78 21.03
CA VAL B 56 -4.59 -20.28 20.38
C VAL B 56 -5.41 -19.70 21.52
N ASP B 57 -5.58 -18.39 21.44
CA ASP B 57 -6.22 -17.63 22.55
C ASP B 57 -5.56 -17.95 23.86
N GLY B 58 -4.24 -18.12 23.84
CA GLY B 58 -3.53 -18.27 25.09
C GLY B 58 -3.46 -19.70 25.56
N VAL B 59 -4.18 -20.64 24.89
CA VAL B 59 -4.18 -22.07 25.31
C VAL B 59 -3.17 -22.77 24.42
N GLU B 60 -2.24 -23.53 25.00
CA GLU B 60 -1.19 -24.18 24.17
C GLU B 60 -1.78 -25.29 23.26
N VAL B 61 -1.37 -25.30 22.01
CA VAL B 61 -1.71 -26.37 21.03
C VAL B 61 -0.45 -27.08 20.56
N HIS B 62 -0.57 -28.34 20.10
CA HIS B 62 0.60 -29.26 19.98
C HIS B 62 0.71 -29.78 18.59
N ASN B 63 -0.11 -29.28 17.65
CA ASN B 63 -0.16 -29.91 16.32
C ASN B 63 0.56 -29.16 15.20
N ALA B 64 1.40 -28.21 15.54
CA ALA B 64 2.18 -27.54 14.50
C ALA B 64 3.18 -28.51 13.89
N LYS B 65 3.65 -28.22 12.69
CA LYS B 65 4.70 -28.98 12.01
C LYS B 65 5.90 -28.12 11.85
N THR B 66 7.02 -28.58 12.36
CA THR B 66 8.20 -27.70 12.43
C THR B 66 9.21 -28.38 11.62
N LYS B 67 9.88 -27.64 10.77
CA LYS B 67 10.87 -28.23 9.90
C LYS B 67 12.26 -28.13 10.51
N PRO B 68 13.15 -29.04 10.09
CA PRO B 68 14.54 -28.93 10.54
C PRO B 68 15.13 -27.58 10.11
N ARG B 69 16.01 -27.04 10.95
CA ARG B 69 16.75 -25.80 10.60
C ARG B 69 17.49 -25.87 9.25
N GLU B 70 17.53 -24.79 8.47
CA GLU B 70 18.28 -24.79 7.19
C GLU B 70 19.30 -23.65 7.22
N GLU B 71 20.55 -23.98 6.93
CA GLU B 71 21.56 -22.92 6.97
C GLU B 71 21.39 -22.08 5.71
N GLN B 72 21.51 -20.76 5.87
CA GLN B 72 21.49 -19.77 4.83
C GLN B 72 22.89 -19.45 4.36
N TYR B 73 22.98 -18.73 3.23
CA TYR B 73 24.26 -18.49 2.65
C TYR B 73 25.03 -17.54 3.52
N ASN B 74 24.33 -16.88 4.43
CA ASN B 74 25.05 -15.94 5.31
C ASN B 74 25.47 -16.62 6.65
N SER B 75 25.48 -17.95 6.69
CA SER B 75 25.98 -18.72 7.84
C SER B 75 25.10 -18.60 9.10
N THR B 76 23.87 -18.13 8.97
CA THR B 76 22.86 -18.24 10.01
C THR B 76 21.83 -19.31 9.62
N TYR B 77 21.04 -19.80 10.58
CA TYR B 77 20.01 -20.78 10.27
C TYR B 77 18.65 -20.09 10.20
N ARG B 78 17.76 -20.67 9.38
CA ARG B 78 16.37 -20.22 9.31
C ARG B 78 15.51 -21.48 9.73
N VAL B 79 14.49 -21.29 10.57
CA VAL B 79 13.74 -22.44 11.06
C VAL B 79 12.28 -22.04 10.96
N VAL B 80 11.45 -22.94 10.45
CA VAL B 80 10.01 -22.56 10.16
C VAL B 80 9.10 -23.49 10.90
N SER B 81 8.04 -22.97 11.53
CA SER B 81 7.03 -23.87 12.08
C SER B 81 5.68 -23.42 11.52
N VAL B 82 4.93 -24.40 11.03
CA VAL B 82 3.60 -24.09 10.40
C VAL B 82 2.43 -24.68 11.23
N LEU B 83 1.49 -23.81 11.60
CA LEU B 83 0.31 -24.28 12.31
C LEU B 83 -0.92 -24.21 11.41
N THR B 84 -1.59 -25.35 11.21
CA THR B 84 -2.85 -25.32 10.46
C THR B 84 -3.92 -24.65 11.29
N VAL B 85 -4.68 -23.77 10.67
CA VAL B 85 -5.80 -23.18 11.43
C VAL B 85 -7.14 -23.64 10.91
N LEU B 86 -8.14 -23.69 11.82
CA LEU B 86 -9.49 -24.01 11.36
C LEU B 86 -10.07 -22.68 10.77
N HIS B 87 -10.76 -22.80 9.65
CA HIS B 87 -11.35 -21.62 8.96
C HIS B 87 -12.20 -20.79 9.93
N GLN B 88 -13.01 -21.50 10.71
CA GLN B 88 -13.97 -20.74 11.54
C GLN B 88 -13.24 -20.13 12.74
N ASP B 89 -12.21 -20.81 13.22
CA ASP B 89 -11.37 -20.18 14.30
C ASP B 89 -10.80 -18.86 13.83
N TRP B 90 -10.17 -18.85 12.65
CA TRP B 90 -9.57 -17.59 12.18
C TRP B 90 -10.69 -16.53 12.01
N LEU B 91 -11.82 -16.92 11.43
CA LEU B 91 -12.87 -15.96 11.10
C LEU B 91 -13.61 -15.52 12.35
N ASN B 92 -13.54 -16.31 13.42
CA ASN B 92 -14.10 -15.94 14.77
C ASN B 92 -13.04 -15.14 15.60
N GLY B 93 -11.95 -14.71 14.96
CA GLY B 93 -10.96 -13.86 15.62
C GLY B 93 -10.06 -14.48 16.67
N LYS B 94 -9.85 -15.81 16.67
CA LYS B 94 -8.85 -16.43 17.55
C LYS B 94 -7.44 -15.84 17.31
N GLU B 95 -6.64 -15.78 18.38
CA GLU B 95 -5.29 -15.16 18.34
C GLU B 95 -4.33 -16.27 18.36
N TYR B 96 -3.40 -16.24 17.42
CA TYR B 96 -2.39 -17.30 17.26
C TYR B 96 -1.07 -16.73 17.73
N LYS B 97 -0.47 -17.36 18.77
CA LYS B 97 0.81 -16.91 19.30
C LYS B 97 1.85 -17.95 19.01
N CYS B 98 2.97 -17.49 18.41
CA CYS B 98 4.15 -18.25 18.29
C CYS B 98 5.22 -17.78 19.30
N LYS B 99 5.76 -18.71 20.10
CA LYS B 99 6.82 -18.36 21.07
C LYS B 99 8.03 -19.10 20.67
N VAL B 100 9.13 -18.39 20.57
CA VAL B 100 10.37 -18.96 20.03
C VAL B 100 11.39 -18.82 21.13
N SER B 101 11.94 -19.97 21.53
CA SER B 101 12.98 -19.99 22.56
C SER B 101 14.32 -20.38 21.89
N ASN B 102 15.39 -19.75 22.31
CA ASN B 102 16.73 -19.98 21.78
C ASN B 102 17.70 -19.43 22.83
N LYS B 103 18.80 -20.11 22.99
CA LYS B 103 19.72 -19.89 24.13
C LYS B 103 20.52 -18.59 24.00
N ALA B 104 20.56 -18.02 22.81
CA ALA B 104 21.11 -16.70 22.61
C ALA B 104 20.18 -15.57 23.06
N LEU B 105 18.89 -15.85 23.27
CA LEU B 105 17.94 -14.79 23.61
C LEU B 105 17.95 -14.47 25.11
N PRO B 106 17.72 -13.20 25.49
CA PRO B 106 17.57 -12.93 26.94
C PRO B 106 16.22 -13.48 27.47
N ALA B 107 15.24 -13.62 26.60
CA ALA B 107 13.94 -14.13 26.98
C ALA B 107 13.30 -14.66 25.66
N PRO B 108 12.40 -15.66 25.73
CA PRO B 108 11.80 -16.11 24.44
C PRO B 108 11.13 -14.97 23.71
N ILE B 109 11.00 -15.03 22.35
CA ILE B 109 10.32 -13.94 21.62
C ILE B 109 8.90 -14.44 21.36
N GLU B 110 7.88 -13.62 21.62
CA GLU B 110 6.52 -14.06 21.33
C GLU B 110 5.98 -13.16 20.24
N LYS B 111 5.28 -13.71 19.27
CA LYS B 111 4.62 -12.91 18.27
C LYS B 111 3.17 -13.39 18.20
N THR B 112 2.22 -12.49 17.93
CA THR B 112 0.78 -12.92 17.89
C THR B 112 0.15 -12.41 16.60
N ILE B 113 -0.76 -13.17 15.99
CA ILE B 113 -1.43 -12.64 14.81
C ILE B 113 -2.91 -13.08 14.89
N SER B 114 -3.80 -12.27 14.28
CA SER B 114 -5.21 -12.63 14.21
C SER B 114 -5.76 -11.80 13.06
N LYS B 115 -7.00 -12.07 12.72
CA LYS B 115 -7.77 -11.22 11.80
C LYS B 115 -7.93 -9.85 12.53
N ALA B 116 -7.86 -8.72 11.79
CA ALA B 116 -8.08 -7.39 12.39
C ALA B 116 -9.38 -7.36 13.17
N LYS B 117 -9.36 -6.80 14.38
CA LYS B 117 -10.57 -6.72 15.20
C LYS B 117 -11.61 -5.72 14.67
N GLY B 118 -12.91 -6.06 14.75
CA GLY B 118 -13.91 -5.09 14.24
C GLY B 118 -15.07 -5.89 13.71
N GLN B 119 -16.25 -5.27 13.59
CA GLN B 119 -17.39 -5.96 13.00
C GLN B 119 -17.18 -6.07 11.51
N PRO B 120 -17.34 -7.28 10.92
CA PRO B 120 -17.21 -7.36 9.47
C PRO B 120 -18.25 -6.57 8.75
N ARG B 121 -17.88 -6.09 7.58
CA ARG B 121 -18.75 -5.26 6.74
C ARG B 121 -18.76 -5.76 5.31
N GLU B 122 -19.95 -5.84 4.68
CA GLU B 122 -20.11 -6.38 3.32
CA GLU B 122 -20.11 -6.37 3.32
C GLU B 122 -19.58 -5.40 2.23
N PRO B 123 -18.70 -5.90 1.33
CA PRO B 123 -18.13 -5.18 0.18
C PRO B 123 -19.27 -4.89 -0.74
N GLN B 124 -19.28 -3.66 -1.22
CA GLN B 124 -20.17 -3.29 -2.31
CA GLN B 124 -20.16 -3.19 -2.32
C GLN B 124 -19.29 -3.32 -3.57
N VAL B 125 -19.75 -4.02 -4.62
CA VAL B 125 -18.91 -4.22 -5.84
C VAL B 125 -19.55 -3.57 -7.07
N TYR B 126 -18.83 -2.61 -7.66
CA TYR B 126 -19.36 -1.84 -8.78
C TYR B 126 -18.41 -1.96 -9.94
N THR B 127 -18.94 -2.29 -11.10
CA THR B 127 -18.06 -2.26 -12.26
C THR B 127 -18.25 -0.99 -13.11
N LEU B 128 -17.13 -0.48 -13.64
CA LEU B 128 -17.19 0.75 -14.42
C LEU B 128 -16.48 0.50 -15.74
N PRO B 129 -17.12 0.92 -16.86
CA PRO B 129 -16.59 0.73 -18.19
C PRO B 129 -15.48 1.72 -18.45
N PRO B 130 -14.73 1.51 -19.56
CA PRO B 130 -13.69 2.49 -19.94
C PRO B 130 -14.31 3.88 -20.13
N SER B 131 -13.56 4.92 -19.74
CA SER B 131 -13.89 6.30 -20.16
C SER B 131 -13.96 6.39 -21.66
N ARG B 132 -14.93 7.16 -22.16
CA ARG B 132 -14.99 7.56 -23.57
C ARG B 132 -13.62 7.89 -24.14
N ASP B 133 -12.83 8.70 -23.43
CA ASP B 133 -11.51 9.15 -23.90
C ASP B 133 -10.48 8.06 -24.05
N GLU B 134 -10.69 6.96 -23.34
CA GLU B 134 -9.78 5.85 -23.47
C GLU B 134 -9.97 5.05 -24.75
N LEU B 135 -11.09 5.26 -25.40
CA LEU B 135 -11.48 4.47 -26.56
C LEU B 135 -10.66 4.70 -27.84
N THR B 136 -9.83 5.74 -27.87
CA THR B 136 -8.86 5.97 -28.96
C THR B 136 -7.54 5.21 -28.70
N LYS B 137 -7.49 4.42 -27.62
CA LYS B 137 -6.29 3.61 -27.35
C LYS B 137 -6.46 2.21 -27.91
N ASN B 138 -5.36 1.47 -28.04
CA ASN B 138 -5.41 0.08 -28.45
C ASN B 138 -6.02 -0.79 -27.35
N GLN B 139 -5.63 -0.55 -26.09
CA GLN B 139 -6.19 -1.26 -24.93
C GLN B 139 -7.00 -0.32 -24.09
N VAL B 140 -8.07 -0.87 -23.51
CA VAL B 140 -8.92 -0.15 -22.55
C VAL B 140 -8.95 -0.77 -21.16
N SER B 141 -9.38 0.04 -20.19
CA SER B 141 -9.35 -0.33 -18.80
C SER B 141 -10.76 -0.65 -18.28
N LEU B 142 -10.92 -1.88 -17.80
CA LEU B 142 -12.13 -2.25 -17.11
C LEU B 142 -11.93 -2.20 -15.61
N THR B 143 -12.80 -1.47 -14.90
CA THR B 143 -12.55 -1.16 -13.47
C THR B 143 -13.58 -1.83 -12.58
N CYS B 144 -13.09 -2.41 -11.48
CA CYS B 144 -13.98 -2.96 -10.46
C CYS B 144 -13.70 -2.20 -9.19
N LEU B 145 -14.71 -1.48 -8.68
CA LEU B 145 -14.57 -0.75 -7.43
C LEU B 145 -15.20 -1.62 -6.33
N VAL B 146 -14.46 -1.88 -5.28
CA VAL B 146 -14.96 -2.70 -4.15
C VAL B 146 -14.80 -1.85 -2.90
N LYS B 147 -15.89 -1.50 -2.25
CA LYS B 147 -15.77 -0.52 -1.15
C LYS B 147 -16.64 -0.96 0.04
N GLY B 148 -16.40 -0.31 1.18
CA GLY B 148 -17.29 -0.48 2.31
C GLY B 148 -17.02 -1.78 3.05
N PHE B 149 -15.87 -2.42 2.76
CA PHE B 149 -15.58 -3.76 3.41
C PHE B 149 -14.71 -3.73 4.68
N TYR B 150 -14.84 -4.77 5.53
CA TYR B 150 -14.05 -4.84 6.76
C TYR B 150 -14.11 -6.31 7.17
N PRO B 151 -13.00 -6.94 7.59
CA PRO B 151 -11.65 -6.40 7.60
C PRO B 151 -11.11 -6.30 6.15
N SER B 152 -9.84 -5.92 6.01
CA SER B 152 -9.32 -5.62 4.68
C SER B 152 -8.92 -6.87 3.91
N ASP B 153 -8.89 -8.05 4.56
CA ASP B 153 -8.57 -9.29 3.87
C ASP B 153 -9.64 -9.60 2.80
N ILE B 154 -9.17 -9.77 1.57
CA ILE B 154 -10.10 -9.86 0.44
C ILE B 154 -9.35 -10.43 -0.72
N ALA B 155 -10.07 -11.06 -1.66
CA ALA B 155 -9.43 -11.49 -2.94
C ALA B 155 -10.29 -11.05 -4.11
N VAL B 156 -9.68 -10.58 -5.20
CA VAL B 156 -10.39 -10.08 -6.37
C VAL B 156 -9.74 -10.68 -7.62
N GLU B 157 -10.59 -11.15 -8.52
CA GLU B 157 -10.17 -11.78 -9.75
C GLU B 157 -11.09 -11.37 -10.89
N TRP B 158 -10.56 -11.49 -12.10
CA TRP B 158 -11.33 -11.25 -13.29
C TRP B 158 -11.36 -12.47 -14.21
N GLU B 159 -12.48 -12.64 -14.87
CA GLU B 159 -12.61 -13.65 -15.92
C GLU B 159 -13.59 -13.21 -16.99
N SER B 160 -13.57 -13.97 -18.09
CA SER B 160 -14.54 -13.85 -19.20
C SER B 160 -14.69 -15.25 -19.79
N ASN B 161 -15.90 -15.62 -20.20
CA ASN B 161 -16.14 -16.98 -20.69
C ASN B 161 -15.53 -18.09 -19.85
N GLY B 162 -15.68 -17.99 -18.53
CA GLY B 162 -15.23 -19.03 -17.65
C GLY B 162 -13.74 -19.07 -17.36
N GLN B 163 -12.98 -18.28 -18.10
CA GLN B 163 -11.52 -18.41 -18.04
C GLN B 163 -10.87 -17.21 -17.34
N PRO B 164 -9.78 -17.43 -16.62
CA PRO B 164 -9.22 -16.22 -15.97
C PRO B 164 -8.57 -15.25 -16.96
N GLU B 165 -8.70 -13.96 -16.66
CA GLU B 165 -8.08 -12.93 -17.47
C GLU B 165 -6.70 -12.64 -16.91
N ASN B 166 -5.69 -12.65 -17.76
CA ASN B 166 -4.31 -12.65 -17.26
C ASN B 166 -3.87 -11.25 -16.76
N ASN B 167 -4.18 -10.25 -17.55
CA ASN B 167 -3.67 -8.90 -17.40
C ASN B 167 -4.48 -7.94 -16.51
N TYR B 168 -4.47 -8.14 -15.22
CA TYR B 168 -5.12 -7.19 -14.33
C TYR B 168 -4.23 -6.90 -13.21
N LYS B 169 -4.45 -5.73 -12.59
CA LYS B 169 -3.74 -5.40 -11.35
C LYS B 169 -4.74 -4.83 -10.36
N THR B 170 -4.58 -5.08 -9.08
CA THR B 170 -5.52 -4.62 -8.08
C THR B 170 -4.72 -3.78 -7.07
N THR B 171 -5.31 -2.67 -6.64
CA THR B 171 -4.64 -1.82 -5.63
C THR B 171 -4.72 -2.50 -4.24
N PRO B 172 -3.79 -2.16 -3.34
CA PRO B 172 -3.96 -2.61 -1.94
C PRO B 172 -5.28 -2.03 -1.41
N PRO B 173 -5.82 -2.61 -0.34
CA PRO B 173 -6.95 -1.97 0.29
C PRO B 173 -6.53 -0.63 0.85
N VAL B 174 -7.45 0.32 0.85
CA VAL B 174 -7.22 1.66 1.34
C VAL B 174 -8.30 1.97 2.41
N LEU B 175 -7.85 2.51 3.52
CA LEU B 175 -8.77 2.87 4.59
C LEU B 175 -9.58 4.07 4.22
N ASP B 176 -10.90 3.92 4.30
CA ASP B 176 -11.81 4.98 3.88
C ASP B 176 -12.16 5.82 5.11
N SER B 177 -12.79 6.95 4.88
CA SER B 177 -13.12 7.90 5.95
C SER B 177 -14.16 7.32 6.96
N ASP B 178 -14.92 6.30 6.59
CA ASP B 178 -15.81 5.70 7.62
C ASP B 178 -15.24 4.48 8.33
N GLY B 179 -13.94 4.21 8.18
CA GLY B 179 -13.32 3.04 8.84
C GLY B 179 -13.39 1.68 8.11
N SER B 180 -14.11 1.65 6.99
CA SER B 180 -14.14 0.51 6.11
C SER B 180 -12.96 0.66 5.12
N PHE B 181 -12.73 -0.37 4.32
CA PHE B 181 -11.76 -0.35 3.21
C PHE B 181 -12.37 -0.30 1.80
N PHE B 182 -11.60 0.22 0.86
CA PHE B 182 -11.95 0.05 -0.56
C PHE B 182 -10.69 -0.28 -1.36
N LEU B 183 -10.91 -0.76 -2.57
CA LEU B 183 -9.85 -0.91 -3.50
C LEU B 183 -10.45 -0.83 -4.90
N TYR B 184 -9.58 -0.74 -5.89
CA TYR B 184 -10.01 -0.87 -7.29
C TYR B 184 -9.13 -1.95 -7.98
N SER B 185 -9.72 -2.69 -8.88
CA SER B 185 -8.93 -3.59 -9.67
C SER B 185 -9.16 -3.21 -11.12
N LYS B 186 -8.09 -3.23 -11.91
CA LYS B 186 -8.05 -2.73 -13.28
C LYS B 186 -7.69 -3.87 -14.21
N LEU B 187 -8.63 -4.24 -15.09
CA LEU B 187 -8.35 -5.24 -16.05
C LEU B 187 -8.13 -4.50 -17.37
N THR B 188 -7.01 -4.84 -17.99
CA THR B 188 -6.68 -4.25 -19.29
C THR B 188 -7.06 -5.26 -20.38
N VAL B 189 -7.88 -4.82 -21.32
CA VAL B 189 -8.21 -5.61 -22.51
C VAL B 189 -7.96 -4.85 -23.83
N ASP B 190 -7.80 -5.65 -24.88
CA ASP B 190 -7.77 -5.16 -26.24
C ASP B 190 -9.04 -4.46 -26.52
N LYS B 191 -8.92 -3.26 -27.08
CA LYS B 191 -10.10 -2.47 -27.44
C LYS B 191 -11.15 -3.26 -28.24
N SER B 192 -10.70 -4.06 -29.23
CA SER B 192 -11.58 -4.95 -30.07
C SER B 192 -12.47 -5.90 -29.19
N ARG B 193 -11.88 -6.52 -28.17
CA ARG B 193 -12.65 -7.41 -27.30
C ARG B 193 -13.76 -6.68 -26.58
N TRP B 194 -13.45 -5.56 -25.96
CA TRP B 194 -14.49 -4.68 -25.47
C TRP B 194 -15.59 -4.40 -26.52
N GLN B 195 -15.17 -3.92 -27.71
CA GLN B 195 -16.07 -3.46 -28.75
C GLN B 195 -17.01 -4.53 -29.27
N GLN B 196 -16.51 -5.76 -29.39
CA GLN B 196 -17.36 -6.91 -29.74
C GLN B 196 -18.34 -7.40 -28.64
N GLY B 197 -18.34 -6.78 -27.46
CA GLY B 197 -19.31 -7.09 -26.43
C GLY B 197 -19.01 -8.33 -25.61
N ASN B 198 -17.76 -8.76 -25.58
CA ASN B 198 -17.38 -9.75 -24.57
C ASN B 198 -17.80 -9.28 -23.17
N VAL B 199 -18.23 -10.24 -22.37
CA VAL B 199 -18.75 -9.94 -21.05
C VAL B 199 -17.59 -10.25 -20.11
N PHE B 200 -17.24 -9.29 -19.25
CA PHE B 200 -16.20 -9.60 -18.30
C PHE B 200 -16.82 -9.57 -16.94
N SER B 201 -16.23 -10.29 -16.01
CA SER B 201 -16.75 -10.37 -14.67
C SER B 201 -15.66 -10.23 -13.60
N CYS B 202 -15.96 -9.39 -12.62
CA CYS B 202 -15.08 -9.12 -11.47
C CYS B 202 -15.64 -9.95 -10.32
N SER B 203 -14.86 -10.88 -9.82
CA SER B 203 -15.34 -11.69 -8.72
C SER B 203 -14.57 -11.35 -7.42
N VAL B 204 -15.29 -11.42 -6.30
CA VAL B 204 -14.80 -10.89 -5.06
C VAL B 204 -15.04 -11.91 -3.97
N MET B 205 -14.00 -12.17 -3.16
CA MET B 205 -14.19 -13.09 -2.01
C MET B 205 -13.81 -12.42 -0.72
N HIS B 206 -14.76 -12.45 0.20
CA HIS B 206 -14.65 -11.73 1.49
C HIS B 206 -15.58 -12.40 2.47
N GLU B 207 -15.18 -12.38 3.74
CA GLU B 207 -16.05 -13.11 4.73
C GLU B 207 -17.48 -12.61 4.85
N ALA B 208 -17.71 -11.33 4.55
CA ALA B 208 -19.04 -10.71 4.76
C ALA B 208 -19.91 -10.76 3.49
N LEU B 209 -19.49 -11.58 2.54
CA LEU B 209 -20.35 -11.91 1.38
C LEU B 209 -21.03 -13.27 1.60
N HIS B 210 -22.27 -13.42 1.10
CA HIS B 210 -22.94 -14.73 1.12
C HIS B 210 -22.11 -15.77 0.34
N ASN B 211 -21.89 -16.96 0.94
CA ASN B 211 -20.98 -17.96 0.37
C ASN B 211 -19.56 -17.41 0.11
N HIS B 212 -19.22 -16.32 0.78
CA HIS B 212 -17.87 -15.70 0.70
C HIS B 212 -17.53 -15.30 -0.74
N TYR B 213 -18.57 -15.06 -1.55
CA TYR B 213 -18.33 -14.75 -2.96
C TYR B 213 -19.39 -13.83 -3.54
N THR B 214 -19.00 -12.89 -4.40
CA THR B 214 -20.01 -12.25 -5.25
C THR B 214 -19.30 -11.96 -6.55
N GLN B 215 -20.05 -11.79 -7.63
CA GLN B 215 -19.44 -11.50 -8.91
C GLN B 215 -20.27 -10.43 -9.64
N LYS B 216 -19.66 -9.51 -10.39
CA LYS B 216 -20.41 -8.50 -11.15
C LYS B 216 -19.80 -8.48 -12.53
N SER B 217 -20.66 -8.39 -13.54
CA SER B 217 -20.29 -8.46 -14.94
C SER B 217 -20.25 -7.07 -15.54
N LEU B 218 -19.65 -6.96 -16.73
CA LEU B 218 -19.39 -5.68 -17.42
C LEU B 218 -19.31 -5.99 -18.92
N SER B 219 -20.11 -5.37 -19.78
CA SER B 219 -19.84 -5.50 -21.23
C SER B 219 -20.31 -4.28 -21.94
N LEU B 220 -20.02 -4.16 -23.23
CA LEU B 220 -20.53 -3.03 -23.99
C LEU B 220 -21.90 -3.36 -24.58
C1 NAG C . 10.94 4.36 19.87
C2 NAG C . 11.31 3.04 19.15
C3 NAG C . 11.69 3.54 17.75
C4 NAG C . 10.54 4.29 17.03
C5 NAG C . 9.91 5.42 17.88
C6 NAG C . 8.57 5.91 17.29
C7 NAG C . 12.54 1.04 20.28
C8 NAG C . 13.92 0.50 20.57
N2 NAG C . 12.45 2.24 19.63
O3 NAG C . 12.19 2.42 17.04
O4 NAG C . 11.12 4.91 15.90
O5 NAG C . 9.82 5.04 19.27
O6 NAG C . 7.52 5.00 17.49
O7 NAG C . 11.61 0.35 20.68
C1 NAG C . 10.73 4.19 14.69
C2 NAG C . 10.35 5.18 13.57
C3 NAG C . 10.14 4.45 12.21
C4 NAG C . 11.24 3.44 11.88
C5 NAG C . 11.61 2.60 13.11
C6 NAG C . 12.86 1.75 12.87
C7 NAG C . 9.21 7.37 14.00
C8 NAG C . 7.94 7.98 14.51
N2 NAG C . 9.23 6.02 14.00
O3 NAG C . 10.15 5.46 11.23
O4 NAG C . 10.85 2.50 10.85
O5 NAG C . 11.83 3.40 14.27
O6 NAG C . 13.03 0.98 14.03
O7 NAG C . 10.13 8.10 13.60
C1 BMA C . 11.11 3.01 9.53
C2 BMA C . 11.41 1.76 8.69
C3 BMA C . 11.49 2.05 7.18
C4 BMA C . 10.40 2.94 6.72
C5 BMA C . 10.13 4.11 7.70
C6 BMA C . 8.88 4.82 7.30
O2 BMA C . 10.41 0.83 9.01
O3 BMA C . 11.42 0.87 6.41
O4 BMA C . 10.90 3.45 5.50
O5 BMA C . 9.97 3.68 9.06
O6 BMA C . 8.89 5.89 8.22
C1 MAN C . 12.67 0.53 5.87
C2 MAN C . 12.33 -0.53 4.81
C3 MAN C . 11.90 -1.85 5.51
C4 MAN C . 12.90 -2.30 6.56
C5 MAN C . 13.26 -1.15 7.57
C6 MAN C . 14.45 -1.54 8.45
O2 MAN C . 13.53 -0.88 4.17
O3 MAN C . 11.81 -2.95 4.61
O4 MAN C . 12.46 -3.49 7.16
O5 MAN C . 13.59 0.05 6.85
O6 MAN C . 14.38 -0.81 9.64
C1 NAG C . 13.93 -0.05 3.06
C2 NAG C . 15.35 -0.53 2.97
C3 NAG C . 15.98 -0.02 1.70
C4 NAG C . 15.19 -0.66 0.58
C5 NAG C . 13.74 -0.17 0.58
C6 NAG C . 12.91 -1.02 -0.39
C7 NAG C . 16.64 -1.10 5.02
C8 NAG C . 16.52 -2.59 4.75
N2 NAG C . 16.09 -0.19 4.19
O3 NAG C . 17.30 -0.49 1.63
O4 NAG C . 15.85 -0.32 -0.61
O5 NAG C . 13.16 -0.30 1.88
O6 NAG C . 11.57 -0.80 -0.04
O7 NAG C . 17.24 -0.73 6.03
C1 MAN C . 7.88 6.84 7.84
C2 MAN C . 8.06 8.11 8.69
C3 MAN C . 7.72 7.82 10.14
C4 MAN C . 6.32 7.24 10.28
C5 MAN C . 6.21 6.02 9.39
C6 MAN C . 4.79 5.46 9.38
O2 MAN C . 7.18 9.12 8.24
O3 MAN C . 7.77 9.00 10.91
O4 MAN C . 6.16 6.85 11.62
O5 MAN C . 6.56 6.38 8.05
O6 MAN C . 4.82 4.35 8.49
C1 NAG C . 7.73 9.82 7.10
C2 NAG C . 6.52 10.32 6.31
C3 NAG C . 6.99 11.31 5.23
C4 NAG C . 7.73 12.49 5.85
C5 NAG C . 8.74 12.10 6.91
C6 NAG C . 8.51 13.19 7.95
C7 NAG C . 4.62 8.72 6.20
C8 NAG C . 3.98 7.57 5.47
N2 NAG C . 5.76 9.21 5.71
O3 NAG C . 5.86 11.91 4.64
O4 NAG C . 8.33 13.32 4.86
O5 NAG C . 8.59 10.87 7.57
O6 NAG C . 9.74 13.80 8.08
O7 NAG C . 4.09 9.17 7.21
C1 NAG D . 20.57 -14.21 6.43
C2 NAG D . 20.10 -12.80 6.83
C3 NAG D . 18.60 -12.74 7.14
C4 NAG D . 17.78 -13.42 6.05
C5 NAG D . 18.38 -14.82 5.78
C6 NAG D . 17.60 -15.53 4.67
C7 NAG D . 21.80 -11.49 7.99
C8 NAG D . 22.40 -11.17 9.35
N2 NAG D . 20.81 -12.32 8.03
O3 NAG D . 18.30 -11.36 7.25
O4 NAG D . 16.44 -13.63 6.45
O5 NAG D . 19.71 -14.75 5.40
O6 NAG D . 17.69 -14.74 3.52
O7 NAG D . 22.27 -11.04 6.93
C1 NAG D . 15.60 -12.53 6.16
C2 NAG D . 14.21 -13.03 5.88
C3 NAG D . 13.22 -11.81 5.66
C4 NAG D . 13.28 -10.84 6.81
C5 NAG D . 14.75 -10.50 7.03
C6 NAG D . 14.96 -9.60 8.26
C7 NAG D . 13.72 -15.16 4.80
C8 NAG D . 13.90 -15.88 3.48
N2 NAG D . 14.27 -13.91 4.73
O3 NAG D . 11.90 -12.30 5.60
O4 NAG D . 12.69 -9.57 6.52
O5 NAG D . 15.53 -11.66 7.27
O6 NAG D . 16.31 -9.23 8.34
O7 NAG D . 13.17 -15.73 5.79
C1 BMA D . 11.24 -9.58 6.73
C2 BMA D . 10.79 -8.17 7.11
C3 BMA D . 9.26 -8.11 7.34
C4 BMA D . 8.58 -8.62 6.12
C5 BMA D . 9.16 -9.99 5.73
C6 BMA D . 8.54 -10.52 4.44
O2 BMA D . 11.29 -7.28 6.08
O3 BMA D . 9.01 -6.74 7.51
O4 BMA D . 7.19 -8.71 6.37
O5 BMA D . 10.58 -10.00 5.58
O6 BMA D . 9.01 -11.85 4.31
C1 MAN D . 8.37 -6.46 8.75
C2 MAN D . 7.64 -5.11 8.57
C3 MAN D . 8.55 -3.95 8.28
C4 MAN D . 9.55 -3.87 9.38
C5 MAN D . 10.29 -5.25 9.54
C6 MAN D . 11.27 -5.26 10.71
O2 MAN D . 7.12 -4.75 9.84
O3 MAN D . 7.77 -2.77 8.22
O4 MAN D . 10.41 -2.83 9.01
O5 MAN D . 9.30 -6.27 9.77
O6 MAN D . 12.18 -6.39 10.57
C1 NAG D . 5.76 -5.25 9.90
C2 NAG D . 5.44 -5.57 11.34
C3 NAG D . 4.05 -6.21 11.28
C4 NAG D . 2.98 -5.27 10.75
C5 NAG D . 3.44 -4.68 9.41
C6 NAG D . 2.57 -3.42 9.15
C7 NAG D . 7.38 -6.41 12.77
C8 NAG D . 8.21 -7.65 13.03
N2 NAG D . 6.42 -6.56 11.83
O3 NAG D . 3.73 -6.49 12.62
O4 NAG D . 1.74 -5.97 10.49
O5 NAG D . 4.82 -4.29 9.42
O6 NAG D . 2.50 -3.33 7.74
O7 NAG D . 7.67 -5.38 13.39
C1 MAN D . 8.26 -12.50 3.26
C2 MAN D . 8.66 -13.96 3.27
C3 MAN D . 10.16 -14.10 2.90
C4 MAN D . 10.40 -13.51 1.53
C5 MAN D . 9.95 -12.08 1.51
C6 MAN D . 10.15 -11.56 0.09
O2 MAN D . 7.92 -14.65 2.26
O3 MAN D . 10.45 -15.51 2.81
O4 MAN D . 11.77 -13.58 1.22
O5 MAN D . 8.59 -11.95 1.99
O6 MAN D . 9.51 -10.33 0.12
C1 NAG D . 6.63 -15.01 2.80
C2 NAG D . 5.64 -15.28 1.61
C3 NAG D . 4.27 -15.73 2.19
C4 NAG D . 4.51 -16.94 3.14
C5 NAG D . 5.59 -16.50 4.20
C6 NAG D . 5.88 -17.66 5.17
C7 NAG D . 6.16 -13.64 -0.15
C8 NAG D . 5.87 -12.26 -0.72
N2 NAG D . 5.44 -14.00 0.96
O3 NAG D . 3.52 -16.22 1.06
O4 NAG D . 3.31 -17.31 3.89
O5 NAG D . 6.80 -16.25 3.52
O6 NAG D . 6.36 -18.79 4.44
O7 NAG D . 7.01 -14.39 -0.65
C1 FUC D . 18.05 -15.55 2.38
C2 FUC D . 17.75 -14.76 1.07
C3 FUC D . 18.59 -13.51 1.00
C4 FUC D . 20.08 -13.91 1.03
C5 FUC D . 20.29 -14.72 2.33
C6 FUC D . 21.78 -15.19 2.50
O2 FUC D . 16.36 -14.41 1.06
O3 FUC D . 18.30 -12.87 -0.26
O4 FUC D . 20.35 -14.80 -0.07
O5 FUC D . 19.44 -15.89 2.30
C1 GOL E . -16.64 7.31 3.28
C1 GOL E . -16.62 7.28 3.05
O1 GOL E . -16.79 8.49 2.48
O1 GOL E . -16.01 6.58 4.14
C2 GOL E . -17.52 6.24 2.66
C2 GOL E . -17.66 6.32 2.51
O2 GOL E . -17.08 6.04 1.31
O2 GOL E . -17.26 5.91 1.20
C3 GOL E . -18.96 6.73 2.65
C3 GOL E . -19.04 6.97 2.46
O3 GOL E . -19.66 5.90 1.71
O3 GOL E . -19.87 6.09 1.70
#